data_6WNH
#
_entry.id   6WNH
#
_cell.length_a   153.549
_cell.length_b   153.549
_cell.length_c   81.283
_cell.angle_alpha   90.000
_cell.angle_beta   90.000
_cell.angle_gamma   90.000
#
_symmetry.space_group_name_H-M   'I 41'
#
loop_
_entity.id
_entity.type
_entity.pdbx_description
1 polymer Menin
2 non-polymer 'methyl [(1S,2R)-2-{(1S)-2-(azetidin-1-yl)-1-(3-fluorophenyl)-1-[1-({1-[4-({1-[4-(piperidin-1-yl)butanoyl]azetidin-3-yl}sulfonyl)phenyl]azetidin-3-yl}methyl)piperidin-4-yl]ethyl}cyclopentyl]carbamate'
3 non-polymer 'praseodymium triacetate'
4 water water
#
_entity_poly.entity_id   1
_entity_poly.type   'polypeptide(L)'
_entity_poly.pdbx_seq_one_letter_code
;SGLKAAQKTLFPLRSIDDVVRLFAAELGREEPDLVLLSLVLGFVEHFLAVNRVIPTNVPELTFQPSPAPDPPGGLTYFPV
ADLSIIAALYARFTAQIRGAVDLSLYPREGGVSSRELVKKVSDVIWNSLSRSYFKDRAHIQSLFSFITGTKLDSSGVAFA
VVGACQALGLRDVHLALSEDHAWVVFGPNGEQTAEVTWHGKGNEDRRGQTVNAGVAERSWLYLKGSYMRCDRKMEVAFMV
CAINPSIDLHTDSLELLQLQQKLLWLLYDLGHLERYPMALGNLADLEELEPTPGRPDPLTLYHKGIASAKTYYRDEHIYP
YMYLAGYHCRNRNVREALQAWADTATVIQDYNYCREDEEIYKEFFEVANDVIPNLLKEAASLLEAGEERPGEQSQGTQSQ
GSALQDPECFAHLLRFYDGICKWEEGSPTPVLHVGWATFLVQSLGRFEGQVRQKVRIVSGTVAGTARGPEGGSTAQVPAP
TASPPPEGPVLTFQSEKMKGMKELLVATKINSSAIKLQLTAQSQVQMKKQKVSTPSDYTLSFLKRQRKGL
;
_entity_poly.pdbx_strand_id   A
#
# COMPACT_ATOMS: atom_id res chain seq x y z
N GLY A 2 18.34 -24.29 -1.89
CA GLY A 2 19.77 -24.08 -2.10
C GLY A 2 20.10 -23.15 -3.27
N LEU A 3 21.37 -22.67 -3.33
CA LEU A 3 21.78 -21.78 -4.43
C LEU A 3 22.45 -22.58 -5.53
N LYS A 4 21.88 -22.51 -6.73
CA LYS A 4 22.36 -23.25 -7.88
C LYS A 4 23.21 -22.36 -8.79
N ALA A 5 23.96 -22.99 -9.73
CA ALA A 5 24.86 -22.36 -10.68
C ALA A 5 24.16 -21.27 -11.50
N ALA A 6 22.91 -21.53 -11.96
CA ALA A 6 22.11 -20.58 -12.72
C ALA A 6 21.92 -19.25 -11.97
N GLN A 7 21.93 -19.31 -10.63
CA GLN A 7 21.79 -18.15 -9.75
C GLN A 7 23.17 -17.51 -9.46
N LYS A 8 24.13 -18.33 -9.00
CA LYS A 8 25.48 -17.90 -8.61
C LYS A 8 26.32 -17.27 -9.74
N THR A 9 26.15 -17.71 -11.01
CA THR A 9 26.93 -17.19 -12.15
C THR A 9 26.55 -15.74 -12.52
N LEU A 10 25.45 -15.20 -11.98
CA LEU A 10 25.05 -13.80 -12.25
C LEU A 10 25.70 -12.84 -11.25
N PHE A 11 26.41 -13.39 -10.25
CA PHE A 11 27.17 -12.66 -9.24
C PHE A 11 28.63 -12.45 -9.73
N PRO A 12 29.30 -11.36 -9.30
CA PRO A 12 28.84 -10.29 -8.39
C PRO A 12 27.93 -9.28 -9.07
N LEU A 13 27.11 -8.59 -8.27
CA LEU A 13 26.21 -7.54 -8.71
C LEU A 13 26.93 -6.23 -8.40
N ARG A 14 27.47 -5.56 -9.43
CA ARG A 14 28.27 -4.33 -9.28
C ARG A 14 27.50 -3.10 -9.73
N SER A 15 26.21 -3.28 -10.11
CA SER A 15 25.40 -2.21 -10.65
C SER A 15 23.90 -2.46 -10.43
N ILE A 16 23.08 -1.44 -10.78
CA ILE A 16 21.61 -1.49 -10.76
C ILE A 16 21.17 -2.56 -11.79
N ASP A 17 21.72 -2.50 -13.04
CA ASP A 17 21.40 -3.44 -14.13
C ASP A 17 21.77 -4.88 -13.80
N ASP A 18 22.82 -5.12 -12.97
CA ASP A 18 23.23 -6.45 -12.51
C ASP A 18 22.19 -7.06 -11.56
N VAL A 19 21.59 -6.22 -10.70
CA VAL A 19 20.53 -6.60 -9.77
C VAL A 19 19.25 -6.95 -10.58
N VAL A 20 18.94 -6.12 -11.63
CA VAL A 20 17.77 -6.29 -12.49
C VAL A 20 17.89 -7.63 -13.23
N ARG A 21 19.10 -7.96 -13.72
CA ARG A 21 19.40 -9.22 -14.38
C ARG A 21 19.15 -10.42 -13.46
N LEU A 22 19.49 -10.31 -12.16
CA LEU A 22 19.22 -11.40 -11.21
C LEU A 22 17.72 -11.64 -11.08
N PHE A 23 16.94 -10.55 -10.92
CA PHE A 23 15.50 -10.59 -10.83
C PHE A 23 14.86 -11.11 -12.12
N ALA A 24 15.33 -10.67 -13.32
CA ALA A 24 14.78 -11.17 -14.61
C ALA A 24 14.97 -12.68 -14.75
N ALA A 25 16.15 -13.18 -14.33
CA ALA A 25 16.49 -14.60 -14.37
C ALA A 25 15.63 -15.38 -13.37
N GLU A 26 15.52 -14.87 -12.14
CA GLU A 26 14.75 -15.52 -11.08
C GLU A 26 13.24 -15.57 -11.37
N LEU A 27 12.70 -14.52 -12.05
CA LEU A 27 11.28 -14.44 -12.43
C LEU A 27 10.94 -15.43 -13.55
N GLY A 28 11.96 -15.91 -14.26
CA GLY A 28 11.84 -16.89 -15.33
C GLY A 28 11.92 -18.32 -14.85
N ARG A 29 12.24 -18.50 -13.55
CA ARG A 29 12.34 -19.82 -12.92
C ARG A 29 10.97 -20.21 -12.39
N GLU A 30 10.72 -21.53 -12.27
CA GLU A 30 9.43 -22.07 -11.80
C GLU A 30 9.11 -21.58 -10.38
N GLU A 31 10.13 -21.56 -9.50
CA GLU A 31 9.98 -21.10 -8.12
C GLU A 31 11.02 -19.98 -7.81
N PRO A 32 10.69 -18.67 -8.03
CA PRO A 32 11.66 -17.58 -7.70
C PRO A 32 12.01 -17.55 -6.20
N ASP A 33 13.31 -17.57 -5.88
CA ASP A 33 13.88 -17.59 -4.53
C ASP A 33 13.69 -16.25 -3.83
N LEU A 34 12.66 -16.17 -2.98
CA LEU A 34 12.30 -14.98 -2.21
C LEU A 34 13.41 -14.55 -1.25
N VAL A 35 14.08 -15.54 -0.61
CA VAL A 35 15.15 -15.33 0.37
C VAL A 35 16.33 -14.61 -0.27
N LEU A 36 16.87 -15.18 -1.37
CA LEU A 36 18.00 -14.62 -2.12
C LEU A 36 17.69 -13.18 -2.61
N LEU A 37 16.51 -12.99 -3.24
CA LEU A 37 16.04 -11.70 -3.77
C LEU A 37 15.84 -10.67 -2.66
N SER A 38 15.29 -11.08 -1.51
CA SER A 38 15.09 -10.15 -0.39
C SER A 38 16.42 -9.72 0.23
N LEU A 39 17.41 -10.65 0.32
CA LEU A 39 18.74 -10.39 0.88
C LEU A 39 19.54 -9.39 0.05
N VAL A 40 19.51 -9.53 -1.28
CA VAL A 40 20.17 -8.66 -2.24
C VAL A 40 19.62 -7.24 -2.09
N LEU A 41 18.28 -7.09 -2.12
CA LEU A 41 17.63 -5.79 -1.99
C LEU A 41 18.00 -5.13 -0.67
N GLY A 42 17.98 -5.91 0.41
CA GLY A 42 18.34 -5.44 1.75
C GLY A 42 19.79 -5.05 1.87
N PHE A 43 20.69 -5.82 1.21
CA PHE A 43 22.14 -5.55 1.19
C PHE A 43 22.40 -4.21 0.49
N VAL A 44 21.82 -3.99 -0.72
CA VAL A 44 22.06 -2.77 -1.52
C VAL A 44 21.36 -1.57 -0.84
N GLU A 45 20.19 -1.77 -0.20
CA GLU A 45 19.45 -0.71 0.48
C GLU A 45 20.23 -0.22 1.72
N HIS A 46 20.92 -1.16 2.41
CA HIS A 46 21.72 -0.88 3.60
C HIS A 46 22.81 0.15 3.34
N PHE A 47 23.54 0.04 2.23
CA PHE A 47 24.63 0.95 1.96
C PHE A 47 24.19 2.18 1.17
N LEU A 48 23.07 2.08 0.44
CA LEU A 48 22.57 3.20 -0.33
C LEU A 48 21.66 4.13 0.50
N ALA A 49 21.07 3.63 1.62
CA ALA A 49 20.18 4.48 2.44
C ALA A 49 20.40 4.40 3.97
N VAL A 50 20.71 3.21 4.55
CA VAL A 50 20.86 3.08 6.01
C VAL A 50 22.20 3.68 6.49
N ASN A 51 23.33 3.18 5.97
CA ASN A 51 24.64 3.71 6.34
C ASN A 51 25.44 3.86 5.05
N ARG A 52 25.43 5.08 4.53
CA ARG A 52 26.06 5.44 3.26
C ARG A 52 27.56 5.62 3.39
N VAL A 53 28.08 5.72 4.63
CA VAL A 53 29.52 5.88 4.89
C VAL A 53 30.20 4.57 4.55
N ILE A 54 31.09 4.61 3.53
CA ILE A 54 31.81 3.44 3.05
C ILE A 54 32.80 2.98 4.15
N PRO A 55 32.74 1.67 4.52
CA PRO A 55 33.61 1.16 5.61
C PRO A 55 35.08 1.13 5.22
N THR A 56 35.95 1.44 6.19
CA THR A 56 37.41 1.50 6.01
C THR A 56 38.15 0.22 6.43
N ASN A 57 37.78 -0.36 7.60
CA ASN A 57 38.46 -1.56 8.13
C ASN A 57 37.81 -2.88 7.67
N VAL A 58 36.82 -2.82 6.76
CA VAL A 58 36.15 -4.03 6.28
C VAL A 58 36.75 -4.48 4.91
N PRO A 59 37.52 -5.58 4.88
CA PRO A 59 38.00 -6.10 3.57
C PRO A 59 36.86 -6.91 2.92
N GLU A 60 37.08 -7.43 1.71
CA GLU A 60 36.07 -8.21 0.96
C GLU A 60 34.99 -7.28 0.39
N LEU A 61 34.40 -6.39 1.24
CA LEU A 61 33.38 -5.41 0.86
C LEU A 61 34.01 -4.30 0.03
N THR A 62 33.62 -4.21 -1.25
CA THR A 62 34.11 -3.20 -2.18
C THR A 62 32.93 -2.44 -2.80
N PHE A 63 33.23 -1.26 -3.36
CA PHE A 63 32.23 -0.39 -3.98
C PHE A 63 32.59 -0.15 -5.43
N GLN A 64 31.57 -0.04 -6.28
CA GLN A 64 31.82 0.12 -7.70
C GLN A 64 31.57 1.57 -8.16
N PRO A 65 32.63 2.32 -8.56
CA PRO A 65 32.39 3.68 -9.09
C PRO A 65 31.84 3.63 -10.53
N SER A 66 31.11 4.66 -10.93
CA SER A 66 30.55 4.84 -12.28
C SER A 66 30.13 6.30 -12.44
N PRO A 67 29.98 6.82 -13.68
CA PRO A 67 29.53 8.21 -13.84
C PRO A 67 28.12 8.43 -13.30
N ALA A 68 27.98 9.43 -12.41
CA ALA A 68 26.69 9.82 -11.86
C ALA A 68 26.10 10.92 -12.75
N PRO A 69 24.77 10.99 -12.97
CA PRO A 69 24.23 12.08 -13.80
C PRO A 69 24.21 13.38 -12.98
N ASP A 70 25.30 14.18 -13.10
CA ASP A 70 25.53 15.48 -12.42
C ASP A 70 25.46 15.36 -10.89
N GLY A 74 29.61 13.95 -10.55
CA GLY A 74 30.83 13.18 -10.80
C GLY A 74 30.62 11.68 -10.79
N LEU A 75 31.08 11.01 -9.71
CA LEU A 75 31.00 9.56 -9.52
C LEU A 75 29.97 9.15 -8.47
N THR A 76 29.48 7.92 -8.57
CA THR A 76 28.55 7.30 -7.62
C THR A 76 29.10 5.89 -7.33
N TYR A 77 29.05 5.46 -6.06
CA TYR A 77 29.61 4.20 -5.61
C TYR A 77 28.51 3.23 -5.23
N PHE A 78 28.50 2.05 -5.89
CA PHE A 78 27.46 1.05 -5.68
C PHE A 78 28.00 -0.11 -4.82
N PRO A 79 27.25 -0.57 -3.80
CA PRO A 79 27.75 -1.68 -2.97
C PRO A 79 27.81 -2.98 -3.78
N VAL A 80 29.02 -3.52 -3.97
CA VAL A 80 29.19 -4.75 -4.77
C VAL A 80 28.67 -5.95 -3.98
N ALA A 81 27.54 -6.52 -4.43
CA ALA A 81 26.95 -7.71 -3.84
C ALA A 81 27.76 -8.94 -4.30
N ASP A 82 28.79 -9.29 -3.52
CA ASP A 82 29.67 -10.43 -3.74
C ASP A 82 28.93 -11.70 -3.44
N LEU A 83 29.25 -12.77 -4.18
CA LEU A 83 28.64 -14.08 -3.95
C LEU A 83 28.93 -14.58 -2.52
N SER A 84 30.16 -14.38 -1.99
CA SER A 84 30.53 -14.84 -0.64
C SER A 84 29.71 -14.16 0.47
N ILE A 85 29.41 -12.84 0.34
CA ILE A 85 28.60 -12.09 1.32
C ILE A 85 27.16 -12.61 1.31
N ILE A 86 26.52 -12.63 0.12
CA ILE A 86 25.13 -13.04 -0.08
C ILE A 86 24.94 -14.55 0.25
N ALA A 87 25.77 -15.44 -0.30
CA ALA A 87 25.69 -16.90 -0.05
C ALA A 87 25.78 -17.23 1.44
N ALA A 88 26.65 -16.55 2.21
CA ALA A 88 26.79 -16.78 3.65
C ALA A 88 25.54 -16.31 4.41
N LEU A 89 24.98 -15.14 4.01
CA LEU A 89 23.74 -14.61 4.58
C LEU A 89 22.60 -15.59 4.31
N TYR A 90 22.50 -16.08 3.04
CA TYR A 90 21.49 -17.05 2.60
C TYR A 90 21.62 -18.37 3.38
N ALA A 91 22.85 -18.89 3.55
CA ALA A 91 23.15 -20.12 4.28
C ALA A 91 22.76 -20.03 5.77
N ARG A 92 22.97 -18.85 6.39
CA ARG A 92 22.62 -18.56 7.79
C ARG A 92 21.09 -18.59 8.01
N PHE A 93 20.30 -18.05 7.05
CA PHE A 93 18.84 -18.06 7.16
C PHE A 93 18.31 -19.48 7.05
N THR A 94 18.74 -20.21 6.01
CA THR A 94 18.38 -21.58 5.70
C THR A 94 18.74 -22.52 6.89
N ALA A 95 19.98 -22.40 7.42
CA ALA A 95 20.46 -23.21 8.56
C ALA A 95 19.58 -23.02 9.79
N GLN A 96 19.21 -21.77 10.08
CA GLN A 96 18.36 -21.37 11.20
C GLN A 96 16.96 -22.00 11.09
N ILE A 97 16.31 -21.89 9.91
CA ILE A 97 14.95 -22.40 9.70
C ILE A 97 14.94 -23.93 9.74
N ARG A 98 15.80 -24.59 8.93
CA ARG A 98 15.92 -26.05 8.83
C ARG A 98 16.28 -26.69 10.18
N GLY A 99 17.12 -26.00 10.95
CA GLY A 99 17.56 -26.45 12.27
C GLY A 99 16.53 -26.31 13.36
N ALA A 100 15.53 -25.42 13.17
CA ALA A 100 14.46 -25.17 14.15
C ALA A 100 13.17 -25.92 13.81
N VAL A 101 12.98 -26.33 12.53
CA VAL A 101 11.78 -27.06 12.11
C VAL A 101 12.16 -28.49 11.65
N ASP A 102 11.64 -29.52 12.34
CA ASP A 102 11.87 -30.91 11.97
C ASP A 102 10.60 -31.42 11.27
N LEU A 103 10.65 -31.45 9.92
CA LEU A 103 9.54 -31.79 9.02
C LEU A 103 9.06 -33.25 9.11
N SER A 104 9.76 -34.13 9.85
CA SER A 104 9.35 -35.52 10.05
C SER A 104 8.19 -35.59 11.06
N LEU A 105 8.10 -34.58 11.96
CA LEU A 105 7.07 -34.42 13.00
C LEU A 105 5.74 -33.92 12.43
N TYR A 106 5.74 -33.48 11.15
CA TYR A 106 4.56 -32.92 10.48
C TYR A 106 4.15 -33.78 9.29
N PRO A 107 2.93 -34.36 9.29
CA PRO A 107 2.51 -35.21 8.17
C PRO A 107 2.03 -34.37 6.98
N ARG A 108 2.84 -34.35 5.91
CA ARG A 108 2.52 -33.61 4.69
C ARG A 108 1.56 -34.42 3.83
N GLU A 109 0.24 -34.18 4.00
CA GLU A 109 -0.85 -34.86 3.29
C GLU A 109 -0.88 -34.46 1.80
N GLY A 110 0.04 -35.04 1.03
CA GLY A 110 0.20 -34.81 -0.40
C GLY A 110 0.46 -33.37 -0.79
N GLY A 111 1.60 -32.84 -0.37
CA GLY A 111 2.03 -31.47 -0.65
C GLY A 111 1.13 -30.40 -0.06
N VAL A 112 0.54 -30.67 1.12
CA VAL A 112 -0.33 -29.75 1.85
C VAL A 112 0.24 -29.53 3.26
N SER A 113 0.48 -28.24 3.61
CA SER A 113 0.96 -27.85 4.94
C SER A 113 -0.21 -27.68 5.88
N SER A 114 -0.10 -28.24 7.07
CA SER A 114 -1.10 -28.16 8.14
C SER A 114 -1.00 -26.81 8.86
N ARG A 115 -2.04 -26.43 9.63
CA ARG A 115 -2.03 -25.19 10.40
C ARG A 115 -0.89 -25.22 11.43
N GLU A 116 -0.69 -26.41 12.04
CA GLU A 116 0.33 -26.70 13.06
C GLU A 116 1.75 -26.47 12.52
N LEU A 117 1.99 -26.81 11.23
CA LEU A 117 3.27 -26.59 10.56
C LEU A 117 3.48 -25.10 10.26
N VAL A 118 2.42 -24.40 9.74
CA VAL A 118 2.47 -22.97 9.43
C VAL A 118 2.70 -22.15 10.72
N LYS A 119 2.05 -22.56 11.83
CA LYS A 119 2.17 -21.88 13.11
C LYS A 119 3.60 -22.03 13.69
N LYS A 120 4.22 -23.22 13.51
CA LYS A 120 5.60 -23.48 13.97
C LYS A 120 6.59 -22.58 13.25
N VAL A 121 6.46 -22.45 11.91
CA VAL A 121 7.31 -21.60 11.07
C VAL A 121 7.11 -20.14 11.51
N SER A 122 5.85 -19.73 11.77
CA SER A 122 5.56 -18.38 12.24
C SER A 122 6.25 -18.13 13.59
N ASP A 123 6.18 -19.11 14.52
CA ASP A 123 6.80 -19.06 15.86
C ASP A 123 8.31 -18.94 15.76
N VAL A 124 8.95 -19.57 14.76
CA VAL A 124 10.40 -19.52 14.53
C VAL A 124 10.81 -18.07 14.20
N ILE A 125 10.17 -17.43 13.21
CA ILE A 125 10.47 -16.04 12.81
C ILE A 125 10.24 -15.09 14.00
N TRP A 126 9.06 -15.19 14.64
CA TRP A 126 8.61 -14.39 15.77
C TRP A 126 9.60 -14.41 16.94
N ASN A 127 9.98 -15.61 17.44
CA ASN A 127 10.88 -15.80 18.57
C ASN A 127 12.34 -15.41 18.28
N SER A 128 12.70 -15.17 17.01
CA SER A 128 14.04 -14.77 16.59
C SER A 128 14.26 -13.26 16.70
N LEU A 129 13.17 -12.47 16.58
CA LEU A 129 13.18 -11.01 16.59
C LEU A 129 13.65 -10.43 17.93
N SER A 130 14.31 -9.26 17.87
CA SER A 130 14.78 -8.48 19.03
C SER A 130 13.60 -8.10 19.92
N ARG A 131 13.83 -8.04 21.24
CA ARG A 131 12.78 -7.74 22.22
C ARG A 131 12.27 -6.30 22.11
N SER A 132 13.15 -5.33 21.78
CA SER A 132 12.76 -3.92 21.72
C SER A 132 13.39 -3.16 20.56
N TYR A 133 12.56 -2.61 19.69
CA TYR A 133 12.94 -1.75 18.56
C TYR A 133 11.72 -0.96 18.08
N PHE A 134 11.94 0.19 17.43
CA PHE A 134 10.84 1.01 16.92
C PHE A 134 10.23 0.32 15.69
N LYS A 135 8.95 -0.07 15.78
CA LYS A 135 8.24 -0.83 14.74
C LYS A 135 8.08 -0.05 13.42
N ASP A 136 7.86 1.28 13.48
CA ASP A 136 7.64 2.10 12.28
C ASP A 136 8.96 2.60 11.68
N ARG A 137 10.10 2.10 12.19
CA ARG A 137 11.42 2.38 11.70
C ARG A 137 11.55 1.95 10.21
N ALA A 138 12.27 2.75 9.42
CA ALA A 138 12.47 2.48 8.00
C ALA A 138 13.57 1.43 7.82
N HIS A 139 13.55 0.71 6.69
CA HIS A 139 14.56 -0.28 6.27
C HIS A 139 14.67 -1.51 7.20
N ILE A 140 13.54 -1.99 7.78
CA ILE A 140 13.54 -3.23 8.57
C ILE A 140 12.50 -4.18 7.94
N GLN A 141 12.38 -4.14 6.61
CA GLN A 141 11.39 -4.91 5.86
C GLN A 141 11.93 -6.22 5.26
N SER A 142 13.23 -6.27 4.95
CA SER A 142 13.89 -7.34 4.21
C SER A 142 14.45 -8.47 5.08
N LEU A 143 14.86 -9.58 4.43
CA LEU A 143 15.50 -10.71 5.11
C LEU A 143 16.91 -10.35 5.55
N PHE A 144 17.52 -9.31 4.94
CA PHE A 144 18.84 -8.81 5.37
C PHE A 144 18.70 -8.25 6.78
N SER A 145 17.65 -7.47 7.01
CA SER A 145 17.33 -6.87 8.32
C SER A 145 17.08 -7.97 9.39
N PHE A 146 16.34 -9.05 9.02
CA PHE A 146 16.05 -10.19 9.89
C PHE A 146 17.34 -10.93 10.27
N ILE A 147 18.24 -11.12 9.29
CA ILE A 147 19.48 -11.87 9.53
C ILE A 147 20.55 -11.03 10.25
N THR A 148 20.83 -9.80 9.78
CA THR A 148 21.90 -8.93 10.34
C THR A 148 21.48 -8.16 11.60
N GLY A 149 20.19 -7.95 11.82
CA GLY A 149 19.75 -7.19 12.98
C GLY A 149 18.55 -7.70 13.73
N THR A 150 17.97 -8.85 13.30
CA THR A 150 16.77 -9.51 13.87
C THR A 150 15.61 -8.50 14.10
N LYS A 151 15.41 -7.59 13.14
CA LYS A 151 14.37 -6.59 13.17
C LYS A 151 13.53 -6.68 11.93
N LEU A 152 12.21 -6.72 12.11
CA LEU A 152 11.26 -6.74 11.02
C LEU A 152 10.05 -5.92 11.35
N ASP A 153 9.54 -5.18 10.35
CA ASP A 153 8.32 -4.42 10.50
C ASP A 153 7.11 -5.37 10.40
N SER A 154 5.90 -4.85 10.56
CA SER A 154 4.69 -5.69 10.56
C SER A 154 4.57 -6.64 9.35
N SER A 155 4.46 -6.10 8.11
CA SER A 155 4.33 -6.93 6.90
C SER A 155 5.64 -7.71 6.57
N GLY A 156 6.78 -7.29 7.14
CA GLY A 156 8.08 -7.94 6.99
C GLY A 156 8.11 -9.31 7.60
N VAL A 157 7.43 -9.48 8.75
CA VAL A 157 7.31 -10.74 9.49
C VAL A 157 6.52 -11.71 8.63
N ALA A 158 5.40 -11.24 8.04
CA ALA A 158 4.56 -12.05 7.13
C ALA A 158 5.38 -12.58 5.94
N PHE A 159 6.11 -11.67 5.24
CA PHE A 159 6.98 -12.01 4.12
C PHE A 159 8.09 -13.01 4.55
N ALA A 160 8.65 -12.83 5.78
CA ALA A 160 9.69 -13.70 6.33
C ALA A 160 9.18 -15.11 6.59
N VAL A 161 7.91 -15.26 7.07
CA VAL A 161 7.27 -16.55 7.32
C VAL A 161 7.09 -17.29 5.97
N VAL A 162 6.70 -16.56 4.91
CA VAL A 162 6.53 -17.08 3.54
C VAL A 162 7.92 -17.50 2.99
N GLY A 163 8.94 -16.64 3.16
CA GLY A 163 10.31 -16.92 2.75
C GLY A 163 10.86 -18.17 3.41
N ALA A 164 10.62 -18.31 4.74
CA ALA A 164 10.99 -19.45 5.56
C ALA A 164 10.26 -20.73 5.11
N CYS A 165 8.96 -20.61 4.71
CA CYS A 165 8.17 -21.76 4.25
C CYS A 165 8.71 -22.30 2.92
N GLN A 166 9.11 -21.39 2.00
CA GLN A 166 9.68 -21.72 0.69
C GLN A 166 11.01 -22.46 0.86
N ALA A 167 11.84 -22.00 1.82
CA ALA A 167 13.13 -22.59 2.17
C ALA A 167 12.97 -24.03 2.70
N LEU A 168 11.84 -24.33 3.40
CA LEU A 168 11.51 -25.66 3.92
C LEU A 168 10.88 -26.54 2.82
N GLY A 169 10.57 -25.93 1.69
CA GLY A 169 9.97 -26.60 0.55
C GLY A 169 8.46 -26.72 0.63
N LEU A 170 7.80 -25.71 1.23
CA LEU A 170 6.34 -25.65 1.37
C LEU A 170 5.78 -24.67 0.32
N ARG A 171 5.43 -25.21 -0.86
CA ARG A 171 4.94 -24.46 -2.02
C ARG A 171 3.48 -23.97 -1.89
N ASP A 172 2.73 -24.43 -0.86
CA ASP A 172 1.32 -24.06 -0.69
C ASP A 172 1.13 -22.84 0.22
N VAL A 173 2.17 -22.40 0.95
CA VAL A 173 2.05 -21.24 1.84
C VAL A 173 2.37 -19.96 1.06
N HIS A 174 1.43 -19.02 1.07
CA HIS A 174 1.58 -17.78 0.33
C HIS A 174 1.21 -16.54 1.12
N LEU A 175 1.74 -15.39 0.68
CA LEU A 175 1.48 -14.09 1.27
C LEU A 175 0.07 -13.59 0.90
N ALA A 176 -0.69 -13.16 1.90
CA ALA A 176 -2.02 -12.56 1.74
C ALA A 176 -1.87 -11.10 2.13
N LEU A 177 -2.42 -10.18 1.33
CA LEU A 177 -2.23 -8.77 1.64
C LEU A 177 -3.47 -7.96 1.50
N SER A 178 -3.67 -7.01 2.42
CA SER A 178 -4.74 -6.03 2.29
C SER A 178 -4.02 -4.72 1.97
N GLU A 179 -4.59 -3.58 2.28
CA GLU A 179 -3.91 -2.32 2.00
C GLU A 179 -3.17 -1.82 3.25
N ASP A 180 -3.23 -2.57 4.38
CA ASP A 180 -2.56 -2.17 5.62
C ASP A 180 -2.17 -3.39 6.52
N HIS A 181 -2.43 -4.61 6.10
CA HIS A 181 -2.09 -5.76 6.94
C HIS A 181 -1.65 -6.94 6.06
N ALA A 182 -0.93 -7.90 6.65
CA ALA A 182 -0.44 -9.06 5.92
C ALA A 182 -0.60 -10.32 6.77
N TRP A 183 -0.99 -11.44 6.12
CA TRP A 183 -1.15 -12.76 6.75
C TRP A 183 -0.80 -13.81 5.73
N VAL A 184 -0.91 -15.10 6.07
CA VAL A 184 -0.59 -16.14 5.09
C VAL A 184 -1.87 -16.93 4.69
N VAL A 185 -1.87 -17.43 3.44
CA VAL A 185 -2.89 -18.31 2.86
C VAL A 185 -2.19 -19.64 2.54
N PHE A 186 -2.86 -20.75 2.86
CA PHE A 186 -2.31 -22.09 2.65
C PHE A 186 -3.48 -23.07 2.48
N GLY A 187 -3.16 -24.35 2.38
CA GLY A 187 -4.16 -25.41 2.24
C GLY A 187 -4.29 -25.96 0.83
N PRO A 188 -5.19 -26.97 0.66
CA PRO A 188 -5.37 -27.60 -0.67
C PRO A 188 -5.76 -26.65 -1.80
N ASN A 189 -6.49 -25.55 -1.49
CA ASN A 189 -6.94 -24.60 -2.50
C ASN A 189 -6.61 -23.16 -2.12
N GLY A 190 -5.81 -23.00 -1.07
CA GLY A 190 -5.38 -21.70 -0.56
C GLY A 190 -6.51 -20.92 0.09
N GLU A 191 -7.45 -21.64 0.72
CA GLU A 191 -8.63 -21.07 1.38
C GLU A 191 -8.47 -21.07 2.91
N GLN A 192 -7.38 -21.71 3.41
CA GLN A 192 -7.00 -21.75 4.82
C GLN A 192 -6.19 -20.50 5.10
N THR A 193 -6.46 -19.82 6.21
CA THR A 193 -5.81 -18.56 6.54
C THR A 193 -5.27 -18.52 7.97
N ALA A 194 -4.12 -17.85 8.16
CA ALA A 194 -3.52 -17.71 9.47
C ALA A 194 -2.81 -16.38 9.65
N GLU A 195 -3.06 -15.74 10.81
CA GLU A 195 -2.39 -14.51 11.27
C GLU A 195 -0.96 -14.90 11.68
N VAL A 196 0.05 -14.13 11.24
CA VAL A 196 1.47 -14.44 11.53
C VAL A 196 2.22 -13.24 12.15
N THR A 197 1.64 -12.04 12.08
CA THR A 197 2.28 -10.84 12.59
C THR A 197 1.28 -10.02 13.45
N TRP A 198 1.74 -8.90 14.00
CA TRP A 198 0.90 -8.00 14.76
C TRP A 198 0.32 -6.98 13.82
N HIS A 199 -0.60 -6.18 14.30
CA HIS A 199 -1.15 -5.03 13.57
C HIS A 199 -1.48 -3.98 14.63
N GLY A 200 -1.22 -2.71 14.30
CA GLY A 200 -1.50 -1.58 15.19
C GLY A 200 -0.57 -1.46 16.39
N LYS A 201 -0.86 -0.45 17.25
CA LYS A 201 -0.08 -0.18 18.47
C LYS A 201 -0.87 -0.65 19.71
N GLY A 202 -0.57 -1.87 20.15
CA GLY A 202 -1.23 -2.50 21.29
C GLY A 202 -2.67 -2.89 20.97
N ASN A 203 -2.84 -3.69 19.91
CA ASN A 203 -4.13 -4.18 19.45
C ASN A 203 -4.23 -5.73 19.61
N GLU A 204 -3.48 -6.28 20.63
CA GLU A 204 -3.38 -7.69 21.04
C GLU A 204 -2.64 -8.59 20.00
N ASP A 205 -2.54 -9.91 20.29
CA ASP A 205 -1.87 -10.88 19.42
C ASP A 205 -2.83 -12.00 18.97
N ARG A 206 -3.37 -11.84 17.74
CA ARG A 206 -4.31 -12.78 17.12
C ARG A 206 -3.56 -13.82 16.27
N ARG A 207 -2.22 -13.88 16.40
CA ARG A 207 -1.35 -14.81 15.68
C ARG A 207 -1.86 -16.27 15.78
N GLY A 208 -1.91 -16.95 14.63
CA GLY A 208 -2.38 -18.33 14.51
C GLY A 208 -3.85 -18.49 14.21
N GLN A 209 -4.62 -17.38 14.21
CA GLN A 209 -6.06 -17.40 13.94
C GLN A 209 -6.38 -17.16 12.46
N THR A 210 -7.61 -17.46 12.06
CA THR A 210 -8.14 -17.18 10.72
C THR A 210 -8.44 -15.68 10.65
N VAL A 211 -8.65 -15.16 9.43
CA VAL A 211 -8.99 -13.74 9.23
C VAL A 211 -10.51 -13.57 9.08
N ASN A 212 -11.28 -14.65 9.34
CA ASN A 212 -12.74 -14.71 9.18
C ASN A 212 -13.48 -13.60 9.89
N ALA A 213 -13.18 -13.34 11.17
CA ALA A 213 -13.85 -12.32 11.98
C ALA A 213 -13.68 -10.94 11.37
N GLY A 214 -12.49 -10.65 10.84
CA GLY A 214 -12.17 -9.37 10.22
C GLY A 214 -12.89 -9.17 8.91
N VAL A 215 -13.08 -10.26 8.17
CA VAL A 215 -13.78 -10.25 6.89
C VAL A 215 -15.29 -10.10 7.14
N ALA A 216 -15.83 -10.88 8.10
CA ALA A 216 -17.26 -10.84 8.41
C ALA A 216 -17.68 -9.47 8.95
N GLU A 217 -16.80 -8.82 9.73
CA GLU A 217 -17.01 -7.50 10.34
C GLU A 217 -17.12 -6.33 9.33
N ARG A 218 -16.58 -6.50 8.12
CA ARG A 218 -16.60 -5.50 7.03
C ARG A 218 -15.62 -4.36 7.34
N SER A 219 -14.50 -4.67 7.98
CA SER A 219 -13.46 -3.68 8.25
C SER A 219 -12.63 -3.52 6.99
N TRP A 220 -12.14 -2.31 6.73
CA TRP A 220 -11.29 -2.03 5.57
C TRP A 220 -9.97 -2.84 5.64
N LEU A 221 -9.54 -3.21 6.86
CA LEU A 221 -8.30 -3.96 7.08
C LEU A 221 -8.31 -5.37 6.45
N TYR A 222 -9.51 -5.96 6.21
CA TYR A 222 -9.61 -7.30 5.61
C TYR A 222 -10.34 -7.26 4.29
N LEU A 223 -10.68 -6.03 3.85
CA LEU A 223 -11.29 -5.68 2.56
C LEU A 223 -12.48 -6.57 2.21
N LYS A 224 -13.34 -6.92 3.21
CA LYS A 224 -14.53 -7.79 3.03
C LYS A 224 -14.20 -9.08 2.22
N GLY A 225 -12.97 -9.57 2.35
CA GLY A 225 -12.48 -10.78 1.69
C GLY A 225 -11.91 -10.59 0.30
N SER A 226 -11.87 -9.35 -0.22
CA SER A 226 -11.31 -9.16 -1.57
C SER A 226 -9.90 -8.60 -1.42
N TYR A 227 -9.09 -9.36 -0.71
CA TYR A 227 -7.69 -9.05 -0.47
C TYR A 227 -6.85 -9.79 -1.49
N MET A 228 -5.60 -9.37 -1.65
CA MET A 228 -4.68 -10.00 -2.58
C MET A 228 -4.19 -11.33 -2.04
N ARG A 229 -4.20 -12.35 -2.89
CA ARG A 229 -3.62 -13.68 -2.59
C ARG A 229 -2.48 -13.84 -3.57
N CYS A 230 -1.25 -13.65 -3.07
CA CYS A 230 -0.04 -13.68 -3.88
C CYS A 230 0.33 -15.08 -4.32
N ASP A 231 0.86 -15.18 -5.54
CA ASP A 231 1.58 -16.33 -6.05
C ASP A 231 3.04 -15.89 -5.85
N ARG A 232 4.06 -16.70 -6.23
CA ARG A 232 5.47 -16.37 -6.01
C ARG A 232 5.90 -15.07 -6.71
N LYS A 233 5.39 -14.80 -7.92
CA LYS A 233 5.71 -13.63 -8.73
C LYS A 233 5.19 -12.33 -8.13
N MET A 234 4.05 -12.40 -7.42
CA MET A 234 3.43 -11.28 -6.73
C MET A 234 4.19 -10.97 -5.44
N GLU A 235 4.81 -12.01 -4.82
CA GLU A 235 5.61 -11.88 -3.60
C GLU A 235 6.92 -11.16 -3.93
N VAL A 236 7.43 -11.34 -5.18
CA VAL A 236 8.61 -10.64 -5.68
C VAL A 236 8.20 -9.15 -5.86
N ALA A 237 6.98 -8.89 -6.44
CA ALA A 237 6.43 -7.54 -6.64
C ALA A 237 6.29 -6.80 -5.31
N PHE A 238 5.80 -7.50 -4.26
CA PHE A 238 5.62 -6.94 -2.91
C PHE A 238 6.97 -6.40 -2.36
N MET A 239 8.01 -7.25 -2.44
CA MET A 239 9.38 -7.05 -2.06
C MET A 239 9.98 -5.84 -2.79
N VAL A 240 9.64 -5.65 -4.09
CA VAL A 240 10.13 -4.52 -4.90
C VAL A 240 9.40 -3.24 -4.40
N CYS A 241 8.08 -3.32 -4.16
CA CYS A 241 7.30 -2.20 -3.61
C CYS A 241 7.81 -1.82 -2.24
N ALA A 242 8.34 -2.83 -1.49
CA ALA A 242 8.84 -2.67 -0.14
C ALA A 242 10.19 -1.95 -0.09
N ILE A 243 10.93 -1.80 -1.25
CA ILE A 243 12.19 -1.03 -1.29
C ILE A 243 11.90 0.38 -0.77
N ASN A 244 12.69 0.83 0.19
CA ASN A 244 12.52 2.13 0.77
C ASN A 244 13.73 3.03 0.37
N PRO A 245 13.53 3.92 -0.64
CA PRO A 245 14.64 4.79 -1.08
C PRO A 245 14.96 5.93 -0.12
N SER A 246 14.22 6.08 1.00
CA SER A 246 14.43 7.16 1.95
C SER A 246 15.78 7.12 2.67
N ILE A 247 16.56 8.20 2.54
CA ILE A 247 17.82 8.38 3.26
C ILE A 247 17.48 9.04 4.61
N ASP A 248 16.69 10.12 4.56
CA ASP A 248 16.18 10.85 5.71
C ASP A 248 14.76 11.32 5.37
N LEU A 249 14.15 12.15 6.22
CA LEU A 249 12.77 12.65 6.00
C LEU A 249 12.59 13.39 4.67
N HIS A 250 13.61 14.16 4.23
CA HIS A 250 13.50 14.98 3.01
C HIS A 250 14.35 14.50 1.80
N THR A 251 15.22 13.48 1.94
CA THR A 251 16.07 13.05 0.82
C THR A 251 15.90 11.56 0.46
N ASP A 252 16.12 11.23 -0.83
CA ASP A 252 16.02 9.87 -1.37
C ASP A 252 17.28 9.46 -2.05
N SER A 253 17.52 8.14 -2.06
CA SER A 253 18.61 7.49 -2.78
C SER A 253 18.17 7.45 -4.22
N LEU A 254 18.93 8.07 -5.12
CA LEU A 254 18.58 8.07 -6.55
C LEU A 254 18.72 6.67 -7.16
N GLU A 255 19.61 5.82 -6.60
CA GLU A 255 19.87 4.45 -7.04
C GLU A 255 18.74 3.54 -6.64
N LEU A 256 18.22 3.67 -5.40
CA LEU A 256 17.10 2.83 -4.94
C LEU A 256 15.78 3.18 -5.69
N LEU A 257 15.59 4.46 -6.08
CA LEU A 257 14.44 4.91 -6.88
C LEU A 257 14.54 4.31 -8.27
N GLN A 258 15.73 4.42 -8.89
CA GLN A 258 16.04 3.92 -10.23
C GLN A 258 15.92 2.38 -10.26
N LEU A 259 16.40 1.70 -9.19
CA LEU A 259 16.29 0.25 -9.05
C LEU A 259 14.82 -0.19 -8.93
N GLN A 260 14.05 0.41 -8.02
CA GLN A 260 12.64 0.05 -7.82
C GLN A 260 11.82 0.28 -9.12
N GLN A 261 12.12 1.35 -9.86
CA GLN A 261 11.45 1.72 -11.11
C GLN A 261 11.72 0.68 -12.21
N LYS A 262 13.00 0.31 -12.39
CA LYS A 262 13.43 -0.68 -13.37
C LYS A 262 12.86 -2.07 -13.04
N LEU A 263 12.85 -2.42 -11.74
CA LEU A 263 12.30 -3.69 -11.29
C LEU A 263 10.78 -3.72 -11.44
N LEU A 264 10.09 -2.56 -11.26
CA LEU A 264 8.64 -2.50 -11.43
C LEU A 264 8.29 -2.66 -12.92
N TRP A 265 9.08 -2.07 -13.84
CA TRP A 265 8.84 -2.25 -15.29
C TRP A 265 9.04 -3.69 -15.74
N LEU A 266 10.01 -4.40 -15.12
CA LEU A 266 10.32 -5.81 -15.38
C LEU A 266 9.09 -6.66 -15.04
N LEU A 267 8.55 -6.47 -13.82
CA LEU A 267 7.35 -7.14 -13.29
C LEU A 267 6.11 -6.79 -14.13
N TYR A 268 5.96 -5.51 -14.53
CA TYR A 268 4.87 -5.01 -15.35
C TYR A 268 4.79 -5.73 -16.70
N ASP A 269 5.93 -5.77 -17.43
CA ASP A 269 6.12 -6.38 -18.75
C ASP A 269 5.81 -7.89 -18.75
N LEU A 270 6.05 -8.58 -17.62
CA LEU A 270 5.76 -10.01 -17.46
C LEU A 270 4.29 -10.23 -17.04
N GLY A 271 3.58 -9.15 -16.76
CA GLY A 271 2.17 -9.19 -16.36
C GLY A 271 1.94 -9.49 -14.89
N HIS A 272 2.95 -9.28 -14.05
CA HIS A 272 2.89 -9.56 -12.61
C HIS A 272 2.33 -8.36 -11.80
N LEU A 273 2.07 -7.19 -12.44
CA LEU A 273 1.43 -6.06 -11.76
C LEU A 273 -0.08 -5.97 -12.13
N GLU A 274 -0.58 -6.85 -13.03
CA GLU A 274 -1.99 -6.89 -13.47
C GLU A 274 -2.96 -7.07 -12.30
N ARG A 275 -2.57 -7.76 -11.22
CA ARG A 275 -3.42 -7.97 -10.05
C ARG A 275 -2.86 -7.29 -8.79
N TYR A 276 -2.01 -6.27 -8.97
CA TYR A 276 -1.39 -5.55 -7.84
C TYR A 276 -1.68 -4.06 -8.02
N PRO A 277 -2.88 -3.57 -7.61
CA PRO A 277 -3.23 -2.17 -7.90
C PRO A 277 -2.25 -1.13 -7.39
N MET A 278 -1.78 -1.27 -6.15
CA MET A 278 -0.86 -0.28 -5.54
C MET A 278 0.55 -0.23 -6.17
N ALA A 279 1.03 -1.34 -6.81
CA ALA A 279 2.32 -1.34 -7.49
C ALA A 279 2.29 -0.40 -8.72
N LEU A 280 1.12 -0.32 -9.40
CA LEU A 280 0.92 0.51 -10.57
C LEU A 280 0.89 2.01 -10.20
N GLY A 281 0.35 2.32 -9.01
CA GLY A 281 0.34 3.67 -8.43
C GLY A 281 1.74 4.10 -8.04
N ASN A 282 2.53 3.16 -7.48
CA ASN A 282 3.95 3.32 -7.11
C ASN A 282 4.79 3.62 -8.36
N LEU A 283 4.60 2.82 -9.43
CA LEU A 283 5.29 2.97 -10.71
C LEU A 283 4.96 4.33 -11.33
N ALA A 284 3.68 4.75 -11.27
CA ALA A 284 3.23 6.04 -11.78
C ALA A 284 3.90 7.21 -11.03
N ASP A 285 4.03 7.08 -9.68
CA ASP A 285 4.73 8.05 -8.83
C ASP A 285 6.19 8.19 -9.27
N LEU A 286 6.84 7.04 -9.53
CA LEU A 286 8.24 6.99 -9.97
C LEU A 286 8.41 7.60 -11.37
N GLU A 287 7.47 7.30 -12.29
CA GLU A 287 7.47 7.82 -13.65
C GLU A 287 7.34 9.35 -13.65
N GLU A 288 6.54 9.94 -12.75
CA GLU A 288 6.42 11.40 -12.70
C GLU A 288 7.75 12.07 -12.26
N LEU A 289 8.49 11.43 -11.31
CA LEU A 289 9.80 11.91 -10.84
C LEU A 289 10.84 11.83 -11.97
N GLU A 290 10.91 10.68 -12.67
CA GLU A 290 11.82 10.48 -13.79
C GLU A 290 11.15 9.64 -14.90
N PRO A 291 10.52 10.31 -15.91
CA PRO A 291 9.87 9.56 -16.99
C PRO A 291 10.88 8.77 -17.80
N THR A 292 10.55 7.51 -18.11
CA THR A 292 11.47 6.70 -18.90
C THR A 292 10.91 6.66 -20.34
N PRO A 293 11.74 7.08 -21.34
CA PRO A 293 11.27 7.14 -22.74
C PRO A 293 10.63 5.85 -23.26
N GLY A 294 9.54 6.03 -24.00
CA GLY A 294 8.76 4.96 -24.61
C GLY A 294 7.68 4.35 -23.74
N ARG A 295 7.66 4.68 -22.45
CA ARG A 295 6.73 4.15 -21.47
C ARG A 295 5.46 5.01 -21.32
N PRO A 296 4.33 4.41 -20.86
CA PRO A 296 3.10 5.23 -20.68
C PRO A 296 3.23 6.26 -19.54
N ASP A 297 2.44 7.34 -19.65
CA ASP A 297 2.36 8.49 -18.74
C ASP A 297 1.88 8.09 -17.34
N PRO A 298 2.28 8.82 -16.27
CA PRO A 298 1.80 8.49 -14.93
C PRO A 298 0.27 8.33 -14.84
N LEU A 299 -0.51 9.27 -15.46
CA LEU A 299 -1.97 9.23 -15.46
C LEU A 299 -2.52 7.90 -15.98
N THR A 300 -1.94 7.38 -17.10
CA THR A 300 -2.31 6.09 -17.68
C THR A 300 -2.07 4.96 -16.64
N LEU A 301 -0.94 5.02 -15.95
CA LEU A 301 -0.59 4.03 -14.94
C LEU A 301 -1.51 4.12 -13.70
N TYR A 302 -1.89 5.33 -13.23
CA TYR A 302 -2.82 5.44 -12.09
C TYR A 302 -4.16 4.80 -12.45
N HIS A 303 -4.67 5.11 -13.66
CA HIS A 303 -5.93 4.53 -14.14
C HIS A 303 -5.81 2.99 -14.34
N LYS A 304 -4.60 2.46 -14.70
CA LYS A 304 -4.36 1.00 -14.80
C LYS A 304 -4.46 0.35 -13.41
N GLY A 305 -4.05 1.06 -12.37
CA GLY A 305 -4.17 0.62 -10.98
C GLY A 305 -5.62 0.54 -10.53
N ILE A 306 -6.42 1.54 -10.90
CA ILE A 306 -7.87 1.60 -10.59
C ILE A 306 -8.58 0.45 -11.34
N ALA A 307 -8.26 0.28 -12.66
CA ALA A 307 -8.81 -0.77 -13.54
C ALA A 307 -8.57 -2.18 -12.96
N SER A 308 -7.37 -2.44 -12.40
CA SER A 308 -6.99 -3.70 -11.75
C SER A 308 -7.88 -3.95 -10.53
N ALA A 309 -8.04 -2.93 -9.66
CA ALA A 309 -8.88 -3.00 -8.46
C ALA A 309 -10.32 -3.34 -8.85
N LYS A 310 -10.84 -2.69 -9.89
CA LYS A 310 -12.18 -2.91 -10.44
C LYS A 310 -12.34 -4.34 -11.01
N THR A 311 -11.36 -4.81 -11.80
CA THR A 311 -11.40 -6.11 -12.47
C THR A 311 -11.23 -7.29 -11.50
N TYR A 312 -10.22 -7.24 -10.62
CA TYR A 312 -9.93 -8.42 -9.81
C TYR A 312 -10.35 -8.33 -8.36
N TYR A 313 -10.71 -7.12 -7.85
CA TYR A 313 -11.02 -6.94 -6.43
C TYR A 313 -12.34 -6.22 -6.16
N ARG A 314 -13.31 -6.41 -7.07
CA ARG A 314 -14.67 -5.86 -7.10
C ARG A 314 -14.75 -4.38 -6.62
N ASP A 315 -13.74 -3.57 -6.99
CA ASP A 315 -13.67 -2.12 -6.68
C ASP A 315 -13.79 -1.82 -5.16
N GLU A 316 -13.15 -2.66 -4.32
CA GLU A 316 -13.19 -2.49 -2.86
C GLU A 316 -11.87 -1.92 -2.30
N HIS A 317 -10.98 -1.41 -3.19
CA HIS A 317 -9.70 -0.85 -2.78
C HIS A 317 -9.71 0.67 -2.79
N ILE A 318 -9.12 1.25 -1.74
CA ILE A 318 -9.06 2.68 -1.48
C ILE A 318 -7.86 3.39 -2.15
N TYR A 319 -6.65 2.87 -1.94
CA TYR A 319 -5.40 3.50 -2.35
C TYR A 319 -5.22 3.71 -3.86
N PRO A 320 -5.77 2.90 -4.82
CA PRO A 320 -5.60 3.26 -6.24
C PRO A 320 -6.15 4.67 -6.56
N TYR A 321 -7.28 5.05 -5.97
CA TYR A 321 -7.89 6.38 -6.18
C TYR A 321 -7.13 7.48 -5.42
N MET A 322 -6.56 7.10 -4.26
CA MET A 322 -5.77 7.95 -3.39
C MET A 322 -4.48 8.37 -4.13
N TYR A 323 -3.81 7.41 -4.81
CA TYR A 323 -2.63 7.64 -5.66
C TYR A 323 -2.95 8.65 -6.78
N LEU A 324 -4.12 8.52 -7.45
CA LEU A 324 -4.52 9.43 -8.51
C LEU A 324 -4.82 10.83 -7.94
N ALA A 325 -5.53 10.91 -6.78
CA ALA A 325 -5.80 12.15 -6.04
C ALA A 325 -4.49 12.86 -5.65
N GLY A 326 -3.50 12.08 -5.23
CA GLY A 326 -2.17 12.53 -4.89
C GLY A 326 -1.51 13.24 -6.05
N TYR A 327 -1.52 12.61 -7.23
CA TYR A 327 -0.98 13.18 -8.47
C TYR A 327 -1.61 14.55 -8.78
N HIS A 328 -2.95 14.59 -8.80
CA HIS A 328 -3.70 15.79 -9.14
C HIS A 328 -3.47 16.92 -8.13
N CYS A 329 -3.31 16.59 -6.83
CA CYS A 329 -3.02 17.57 -5.77
C CYS A 329 -1.65 18.24 -6.03
N ARG A 330 -0.59 17.42 -6.21
CA ARG A 330 0.78 17.86 -6.51
C ARG A 330 0.83 18.79 -7.73
N ASN A 331 -0.02 18.51 -8.74
CA ASN A 331 -0.11 19.26 -10.00
C ASN A 331 -1.18 20.37 -9.96
N ARG A 332 -1.89 20.51 -8.82
CA ARG A 332 -2.93 21.51 -8.51
C ARG A 332 -4.14 21.45 -9.49
N ASN A 333 -4.61 20.23 -9.80
CA ASN A 333 -5.81 19.96 -10.60
C ASN A 333 -6.94 19.74 -9.58
N VAL A 334 -7.48 20.83 -9.02
CA VAL A 334 -8.47 20.86 -7.92
C VAL A 334 -9.68 19.97 -8.20
N ARG A 335 -10.32 20.11 -9.37
CA ARG A 335 -11.49 19.33 -9.76
C ARG A 335 -11.17 17.84 -9.78
N GLU A 336 -10.09 17.49 -10.48
CA GLU A 336 -9.65 16.10 -10.66
C GLU A 336 -9.15 15.49 -9.34
N ALA A 337 -8.66 16.31 -8.39
CA ALA A 337 -8.22 15.82 -7.08
C ALA A 337 -9.44 15.56 -6.22
N LEU A 338 -10.40 16.51 -6.21
CA LEU A 338 -11.65 16.37 -5.46
C LEU A 338 -12.47 15.19 -5.98
N GLN A 339 -12.48 14.96 -7.32
CA GLN A 339 -13.18 13.85 -7.94
C GLN A 339 -12.63 12.50 -7.45
N ALA A 340 -11.30 12.35 -7.46
CA ALA A 340 -10.62 11.14 -7.00
C ALA A 340 -10.82 10.90 -5.48
N TRP A 341 -10.96 11.95 -4.64
CA TRP A 341 -11.21 11.77 -3.19
C TRP A 341 -12.67 11.33 -2.97
N ALA A 342 -13.58 11.82 -3.83
CA ALA A 342 -14.99 11.47 -3.78
C ALA A 342 -15.16 10.01 -4.22
N ASP A 343 -14.32 9.54 -5.17
CA ASP A 343 -14.30 8.16 -5.67
C ASP A 343 -13.73 7.22 -4.61
N THR A 344 -12.78 7.72 -3.76
CA THR A 344 -12.22 6.97 -2.63
C THR A 344 -13.35 6.76 -1.61
N ALA A 345 -14.10 7.84 -1.26
CA ALA A 345 -15.20 7.79 -0.31
C ALA A 345 -16.37 6.91 -0.82
N THR A 346 -16.58 6.84 -2.16
CA THR A 346 -17.59 5.97 -2.76
C THR A 346 -17.22 4.50 -2.48
N VAL A 347 -15.92 4.19 -2.35
CA VAL A 347 -15.47 2.83 -2.06
C VAL A 347 -15.65 2.54 -0.57
N ILE A 348 -15.18 3.44 0.32
CA ILE A 348 -15.23 3.23 1.77
C ILE A 348 -16.67 3.17 2.33
N GLN A 349 -17.67 3.75 1.62
CA GLN A 349 -19.06 3.82 2.08
C GLN A 349 -19.68 2.44 2.39
N ASP A 350 -19.20 1.36 1.73
CA ASP A 350 -19.74 0.02 1.91
C ASP A 350 -18.92 -0.82 2.89
N TYR A 351 -18.17 -0.13 3.74
CA TYR A 351 -17.40 -0.71 4.83
C TYR A 351 -17.94 -0.22 6.16
N ASN A 352 -17.56 -0.88 7.24
CA ASN A 352 -17.90 -0.39 8.58
C ASN A 352 -16.60 -0.10 9.31
N TYR A 353 -16.46 1.15 9.79
CA TYR A 353 -15.29 1.63 10.49
C TYR A 353 -15.11 0.86 11.81
N CYS A 354 -14.07 -0.01 11.85
CA CYS A 354 -13.75 -0.86 12.99
C CYS A 354 -12.46 -0.35 13.66
N ARG A 355 -12.24 -0.80 14.91
CA ARG A 355 -11.12 -0.42 15.78
C ARG A 355 -9.77 -0.28 15.04
N GLU A 356 -9.35 -1.31 14.27
CA GLU A 356 -8.05 -1.36 13.60
C GLU A 356 -8.00 -0.70 12.21
N ASP A 357 -8.90 0.27 11.92
CA ASP A 357 -8.92 0.96 10.63
C ASP A 357 -8.35 2.38 10.71
N GLU A 358 -7.65 2.71 11.84
CA GLU A 358 -7.05 4.02 12.14
C GLU A 358 -6.22 4.58 10.97
N GLU A 359 -5.44 3.73 10.26
CA GLU A 359 -4.64 4.16 9.11
C GLU A 359 -5.50 4.84 8.03
N ILE A 360 -6.67 4.28 7.70
CA ILE A 360 -7.48 4.90 6.67
C ILE A 360 -8.31 6.08 7.26
N TYR A 361 -8.74 5.99 8.54
CA TYR A 361 -9.46 7.07 9.19
C TYR A 361 -8.59 8.34 9.17
N LYS A 362 -7.30 8.21 9.55
CA LYS A 362 -6.31 9.30 9.60
C LYS A 362 -6.13 9.93 8.23
N GLU A 363 -6.11 9.11 7.16
CA GLU A 363 -6.04 9.56 5.77
C GLU A 363 -7.26 10.41 5.39
N PHE A 364 -8.49 9.93 5.68
CA PHE A 364 -9.72 10.70 5.36
C PHE A 364 -9.81 11.97 6.21
N PHE A 365 -9.47 11.87 7.51
CA PHE A 365 -9.50 12.99 8.46
C PHE A 365 -8.62 14.14 7.93
N GLU A 366 -7.43 13.79 7.41
CA GLU A 366 -6.47 14.76 6.88
C GLU A 366 -6.91 15.39 5.58
N VAL A 367 -7.53 14.62 4.65
CA VAL A 367 -7.98 15.20 3.38
C VAL A 367 -9.17 16.16 3.67
N ALA A 368 -10.14 15.72 4.50
CA ALA A 368 -11.33 16.48 4.84
C ALA A 368 -11.06 17.68 5.74
N ASN A 369 -9.97 17.66 6.54
CA ASN A 369 -9.79 18.74 7.50
C ASN A 369 -8.47 19.51 7.36
N ASP A 370 -7.61 19.09 6.43
CA ASP A 370 -6.34 19.79 6.19
C ASP A 370 -6.14 20.04 4.70
N VAL A 371 -6.03 18.96 3.87
CA VAL A 371 -5.73 18.99 2.44
C VAL A 371 -6.79 19.76 1.62
N ILE A 372 -8.08 19.31 1.65
CA ILE A 372 -9.20 19.96 0.93
C ILE A 372 -9.33 21.42 1.44
N PRO A 373 -9.41 21.71 2.77
CA PRO A 373 -9.45 23.13 3.20
C PRO A 373 -8.27 23.96 2.70
N ASN A 374 -7.06 23.36 2.61
CA ASN A 374 -5.86 24.01 2.10
C ASN A 374 -5.98 24.30 0.60
N LEU A 375 -6.51 23.32 -0.20
CA LEU A 375 -6.71 23.47 -1.64
C LEU A 375 -7.68 24.60 -1.97
N LEU A 376 -8.85 24.60 -1.32
CA LEU A 376 -9.90 25.61 -1.51
C LEU A 376 -9.47 27.00 -1.01
N LYS A 377 -8.54 27.06 -0.02
CA LYS A 377 -8.01 28.32 0.50
C LYS A 377 -7.09 28.95 -0.56
N GLU A 378 -6.19 28.12 -1.14
CA GLU A 378 -5.25 28.50 -2.20
C GLU A 378 -6.03 28.90 -3.47
N ALA A 379 -7.13 28.17 -3.78
CA ALA A 379 -8.00 28.44 -4.92
C ALA A 379 -8.71 29.79 -4.76
N ALA A 380 -9.04 30.18 -3.51
CA ALA A 380 -9.69 31.45 -3.18
C ALA A 380 -8.71 32.62 -3.34
N SER A 381 -7.40 32.37 -3.11
CA SER A 381 -6.35 33.37 -3.27
C SER A 381 -6.14 33.68 -4.75
N LEU A 382 -6.28 32.65 -5.61
CA LEU A 382 -6.13 32.75 -7.06
C LEU A 382 -7.29 33.53 -7.70
N LEU A 383 -8.47 33.56 -7.04
CA LEU A 383 -9.66 34.29 -7.50
C LEU A 383 -9.43 35.80 -7.40
N GLU A 384 -8.62 36.24 -6.42
CA GLU A 384 -8.28 37.65 -6.25
C GLU A 384 -7.10 37.98 -7.19
N ALA A 385 -7.43 38.41 -8.43
CA ALA A 385 -6.54 38.78 -9.54
C ALA A 385 -5.50 37.70 -9.85
N SER A 402 -11.44 29.83 -9.39
CA SER A 402 -11.94 29.28 -10.65
C SER A 402 -12.65 27.96 -10.42
N ALA A 403 -12.01 27.03 -9.67
CA ALA A 403 -12.57 25.73 -9.30
C ALA A 403 -13.75 25.93 -8.35
N LEU A 404 -13.69 27.02 -7.55
CA LEU A 404 -14.74 27.42 -6.61
C LEU A 404 -15.96 27.99 -7.36
N GLN A 405 -15.79 28.31 -8.67
CA GLN A 405 -16.86 28.79 -9.55
C GLN A 405 -17.45 27.61 -10.33
N ASP A 406 -16.82 26.42 -10.25
CA ASP A 406 -17.22 25.19 -10.93
C ASP A 406 -18.17 24.37 -10.05
N PRO A 407 -19.48 24.26 -10.41
CA PRO A 407 -20.41 23.49 -9.58
C PRO A 407 -20.08 21.99 -9.50
N GLU A 408 -19.23 21.46 -10.41
CA GLU A 408 -18.76 20.06 -10.41
C GLU A 408 -17.83 19.79 -9.20
N CYS A 409 -16.97 20.77 -8.81
CA CYS A 409 -16.09 20.67 -7.63
C CYS A 409 -16.93 20.56 -6.38
N PHE A 410 -18.03 21.34 -6.33
CA PHE A 410 -18.94 21.35 -5.19
C PHE A 410 -19.63 19.97 -5.04
N ALA A 411 -20.10 19.37 -6.15
CA ALA A 411 -20.74 18.05 -6.17
C ALA A 411 -19.75 16.97 -5.68
N HIS A 412 -18.46 17.06 -6.10
CA HIS A 412 -17.39 16.13 -5.67
C HIS A 412 -17.20 16.25 -4.14
N LEU A 413 -17.22 17.48 -3.60
CA LEU A 413 -17.06 17.75 -2.17
C LEU A 413 -18.20 17.09 -1.35
N LEU A 414 -19.46 17.24 -1.81
CA LEU A 414 -20.63 16.62 -1.18
C LEU A 414 -20.64 15.09 -1.27
N ARG A 415 -20.25 14.52 -2.44
CA ARG A 415 -20.18 13.06 -2.65
C ARG A 415 -19.10 12.44 -1.72
N PHE A 416 -18.00 13.18 -1.51
CA PHE A 416 -16.93 12.81 -0.61
C PHE A 416 -17.48 12.67 0.82
N TYR A 417 -18.21 13.68 1.33
CA TYR A 417 -18.80 13.64 2.67
C TYR A 417 -19.89 12.57 2.78
N ASP A 418 -20.64 12.36 1.69
CA ASP A 418 -21.70 11.35 1.59
C ASP A 418 -21.12 9.96 1.86
N GLY A 419 -19.96 9.66 1.25
CA GLY A 419 -19.24 8.40 1.43
C GLY A 419 -18.78 8.15 2.86
N ILE A 420 -18.23 9.18 3.53
CA ILE A 420 -17.78 9.14 4.93
C ILE A 420 -18.99 8.89 5.87
N CYS A 421 -20.13 9.59 5.62
CA CYS A 421 -21.36 9.44 6.40
C CYS A 421 -21.89 7.99 6.26
N LYS A 422 -21.97 7.48 5.01
CA LYS A 422 -22.47 6.13 4.76
C LYS A 422 -21.53 5.10 5.42
N TRP A 423 -20.20 5.31 5.35
CA TRP A 423 -19.17 4.49 6.00
C TRP A 423 -19.43 4.35 7.52
N GLU A 424 -19.85 5.44 8.15
CA GLU A 424 -20.15 5.51 9.59
C GLU A 424 -21.42 4.70 9.92
N GLU A 425 -22.36 4.57 8.97
CA GLU A 425 -23.59 3.79 9.17
C GLU A 425 -23.26 2.31 9.40
N GLY A 426 -23.75 1.78 10.51
CA GLY A 426 -23.56 0.39 10.90
C GLY A 426 -22.20 0.10 11.51
N SER A 427 -21.45 1.17 11.86
CA SER A 427 -20.11 1.07 12.45
C SER A 427 -20.20 0.96 13.96
N PRO A 428 -19.33 0.13 14.62
CA PRO A 428 -19.38 0.03 16.11
C PRO A 428 -18.99 1.33 16.84
N THR A 429 -18.18 2.19 16.20
CA THR A 429 -17.74 3.48 16.76
C THR A 429 -17.99 4.64 15.75
N PRO A 430 -18.19 5.90 16.24
CA PRO A 430 -18.44 7.01 15.30
C PRO A 430 -17.19 7.42 14.52
N VAL A 431 -17.42 8.06 13.37
CA VAL A 431 -16.39 8.58 12.47
C VAL A 431 -16.33 10.10 12.67
N LEU A 432 -17.46 10.77 12.36
CA LEU A 432 -17.63 12.21 12.36
C LEU A 432 -17.87 12.72 13.77
N HIS A 433 -17.06 13.70 14.15
CA HIS A 433 -17.15 14.39 15.42
C HIS A 433 -17.04 15.89 15.14
N VAL A 434 -17.15 16.72 16.20
CA VAL A 434 -17.12 18.18 16.18
C VAL A 434 -15.95 18.77 15.32
N GLY A 435 -14.81 18.05 15.27
CA GLY A 435 -13.63 18.43 14.51
C GLY A 435 -13.83 18.44 13.01
N TRP A 436 -14.67 17.53 12.48
CA TRP A 436 -15.01 17.45 11.06
C TRP A 436 -15.98 18.56 10.66
N ALA A 437 -17.04 18.76 11.49
CA ALA A 437 -18.18 19.67 11.31
C ALA A 437 -17.75 21.10 10.93
N THR A 438 -16.72 21.62 11.59
CA THR A 438 -16.13 22.94 11.36
C THR A 438 -15.61 23.08 9.90
N PHE A 439 -14.84 22.10 9.43
CA PHE A 439 -14.22 22.13 8.11
C PHE A 439 -15.22 21.87 7.00
N LEU A 440 -16.34 21.19 7.29
CA LEU A 440 -17.43 21.05 6.33
C LEU A 440 -18.08 22.43 6.08
N VAL A 441 -18.41 23.17 7.16
CA VAL A 441 -19.04 24.51 7.08
C VAL A 441 -18.11 25.47 6.31
N GLN A 442 -16.80 25.49 6.66
CA GLN A 442 -15.79 26.32 6.01
C GLN A 442 -15.63 25.94 4.53
N SER A 443 -15.60 24.62 4.20
CA SER A 443 -15.45 24.15 2.82
C SER A 443 -16.70 24.46 1.99
N LEU A 444 -17.92 24.28 2.55
CA LEU A 444 -19.17 24.65 1.87
C LEU A 444 -19.15 26.14 1.56
N GLY A 445 -18.72 26.94 2.55
CA GLY A 445 -18.63 28.40 2.51
C GLY A 445 -17.67 28.98 1.49
N ARG A 446 -16.80 28.13 0.93
CA ARG A 446 -15.81 28.51 -0.08
C ARG A 446 -16.48 28.61 -1.47
N PHE A 447 -17.69 28.06 -1.62
CA PHE A 447 -18.47 28.10 -2.84
C PHE A 447 -19.64 29.06 -2.66
N GLU A 448 -19.82 30.00 -3.60
CA GLU A 448 -20.93 30.98 -3.54
C GLU A 448 -22.27 30.28 -3.73
N GLY A 449 -23.33 30.87 -3.15
CA GLY A 449 -24.71 30.39 -3.22
C GLY A 449 -25.16 29.98 -4.60
N GLN A 450 -24.93 30.85 -5.61
CA GLN A 450 -25.29 30.64 -7.02
C GLN A 450 -24.57 29.43 -7.63
N VAL A 451 -23.32 29.15 -7.20
CA VAL A 451 -22.53 28.01 -7.67
C VAL A 451 -23.09 26.73 -7.01
N ARG A 452 -23.32 26.77 -5.67
CA ARG A 452 -23.84 25.65 -4.89
C ARG A 452 -25.25 25.20 -5.36
N GLN A 453 -26.16 26.16 -5.67
CA GLN A 453 -27.51 25.80 -6.11
C GLN A 453 -27.57 25.33 -7.60
N LYS A 454 -26.43 25.35 -8.34
CA LYS A 454 -26.36 24.81 -9.69
C LYS A 454 -26.39 23.27 -9.63
N VAL A 455 -25.97 22.69 -8.47
CA VAL A 455 -25.98 21.25 -8.23
C VAL A 455 -27.42 20.80 -7.91
N ARG A 456 -27.91 19.80 -8.67
CA ARG A 456 -29.24 19.19 -8.48
C ARG A 456 -29.09 17.93 -7.63
N ILE A 457 -29.56 17.96 -6.38
CA ILE A 457 -29.47 16.78 -5.52
C ILE A 457 -30.81 16.08 -5.62
N VAL A 458 -30.82 15.01 -6.44
CA VAL A 458 -32.03 14.25 -6.78
C VAL A 458 -31.91 12.81 -6.29
N SER A 459 -33.05 12.15 -6.07
CA SER A 459 -33.14 10.77 -5.62
C SER A 459 -33.36 9.81 -6.80
N GLY A 460 -33.71 10.39 -7.95
CA GLY A 460 -34.08 9.69 -9.18
C GLY A 460 -35.59 9.63 -9.24
N THR A 461 -36.18 9.75 -10.43
CA THR A 461 -37.63 9.73 -10.59
C THR A 461 -38.10 8.33 -11.00
N VAL A 462 -37.47 7.75 -12.05
CA VAL A 462 -37.82 6.43 -12.55
C VAL A 462 -36.59 5.53 -12.50
N ALA A 463 -36.82 4.25 -12.16
CA ALA A 463 -35.76 3.25 -12.07
C ALA A 463 -35.57 2.53 -13.40
N GLY A 464 -34.32 2.48 -13.86
CA GLY A 464 -33.95 1.83 -15.12
C GLY A 464 -34.27 2.61 -16.37
N THR A 465 -34.12 1.96 -17.53
CA THR A 465 -34.37 2.52 -18.86
C THR A 465 -35.30 1.59 -19.65
N ALA A 466 -36.00 2.13 -20.66
CA ALA A 466 -36.92 1.32 -21.44
C ALA A 466 -36.61 1.35 -22.93
N ARG A 467 -36.80 0.21 -23.62
CA ARG A 467 -36.62 0.03 -25.06
C ARG A 467 -37.98 -0.12 -25.75
N GLY A 488 -26.40 21.76 -15.20
CA GLY A 488 -25.71 21.67 -13.91
C GLY A 488 -25.50 20.24 -13.44
N PRO A 489 -24.59 19.99 -12.46
CA PRO A 489 -24.38 18.60 -11.99
C PRO A 489 -25.62 18.03 -11.32
N VAL A 490 -25.75 16.70 -11.38
CA VAL A 490 -26.83 15.96 -10.72
C VAL A 490 -26.13 14.99 -9.73
N LEU A 491 -26.64 14.93 -8.49
CA LEU A 491 -26.04 14.14 -7.43
C LEU A 491 -27.12 13.36 -6.66
N THR A 492 -26.76 12.13 -6.26
CA THR A 492 -27.64 11.25 -5.47
C THR A 492 -26.86 10.84 -4.22
N PHE A 493 -27.48 11.05 -3.05
CA PHE A 493 -26.92 10.73 -1.74
C PHE A 493 -27.33 9.33 -1.31
N GLN A 494 -26.33 8.54 -0.94
CA GLN A 494 -26.49 7.17 -0.45
C GLN A 494 -26.63 7.16 1.08
N SER A 495 -26.23 8.25 1.75
CA SER A 495 -26.28 8.31 3.21
C SER A 495 -27.48 9.08 3.73
N GLU A 496 -27.96 8.66 4.91
CA GLU A 496 -29.04 9.27 5.67
C GLU A 496 -28.70 10.71 6.11
N LYS A 497 -27.46 10.95 6.61
CA LYS A 497 -27.07 12.28 7.10
C LYS A 497 -27.06 13.33 5.99
N MET A 498 -26.43 13.06 4.86
CA MET A 498 -26.36 14.03 3.76
C MET A 498 -27.77 14.28 3.15
N LYS A 499 -28.62 13.23 3.12
CA LYS A 499 -30.00 13.28 2.65
C LYS A 499 -30.84 14.22 3.49
N GLY A 500 -30.66 14.18 4.82
CA GLY A 500 -31.41 15.05 5.74
C GLY A 500 -30.96 16.50 5.74
N MET A 501 -29.75 16.76 5.20
CA MET A 501 -29.08 18.05 5.09
C MET A 501 -29.28 18.69 3.73
N LYS A 502 -29.80 17.92 2.73
CA LYS A 502 -30.04 18.28 1.32
C LYS A 502 -30.17 19.80 1.10
N GLU A 503 -31.30 20.36 1.53
CA GLU A 503 -31.67 21.78 1.39
C GLU A 503 -30.70 22.74 2.09
N LEU A 504 -30.15 22.36 3.28
CA LEU A 504 -29.23 23.21 4.05
C LEU A 504 -27.91 23.47 3.29
N LEU A 505 -27.38 22.41 2.65
CA LEU A 505 -26.12 22.42 1.91
C LEU A 505 -26.17 23.34 0.69
N VAL A 506 -27.38 23.56 0.14
CA VAL A 506 -27.64 24.33 -1.07
C VAL A 506 -28.22 25.76 -0.77
N ALA A 507 -28.64 26.04 0.48
CA ALA A 507 -29.21 27.35 0.85
C ALA A 507 -28.15 28.45 0.80
N THR A 508 -28.52 29.67 0.32
CA THR A 508 -27.65 30.86 0.16
C THR A 508 -26.92 31.23 1.46
N LYS A 509 -27.65 31.22 2.59
CA LYS A 509 -27.09 31.50 3.93
C LYS A 509 -26.93 30.15 4.66
N ILE A 510 -25.68 29.80 5.01
CA ILE A 510 -25.38 28.52 5.65
C ILE A 510 -25.73 28.57 7.15
N ASN A 511 -26.61 27.66 7.57
CA ASN A 511 -27.02 27.45 8.96
C ASN A 511 -25.99 26.49 9.56
N SER A 512 -24.89 27.05 10.11
CA SER A 512 -23.74 26.31 10.66
C SER A 512 -24.15 25.33 11.74
N SER A 513 -24.95 25.77 12.74
CA SER A 513 -25.38 24.94 13.87
CA SER A 513 -25.38 24.94 13.87
C SER A 513 -26.13 23.68 13.40
N ALA A 514 -27.04 23.83 12.42
CA ALA A 514 -27.86 22.75 11.88
C ALA A 514 -27.04 21.77 11.05
N ILE A 515 -26.08 22.27 10.26
CA ILE A 515 -25.21 21.42 9.43
C ILE A 515 -24.26 20.66 10.37
N LYS A 516 -23.76 21.34 11.43
CA LYS A 516 -22.86 20.73 12.42
C LYS A 516 -23.58 19.68 13.26
N LEU A 517 -24.80 19.99 13.73
CA LEU A 517 -25.63 19.07 14.52
C LEU A 517 -25.99 17.79 13.72
N GLN A 518 -26.41 17.93 12.46
CA GLN A 518 -26.77 16.76 11.65
C GLN A 518 -25.55 15.90 11.28
N LEU A 519 -24.39 16.53 10.99
CA LEU A 519 -23.19 15.77 10.65
C LEU A 519 -22.67 14.95 11.85
N THR A 520 -22.77 15.52 13.07
CA THR A 520 -22.24 14.93 14.31
C THR A 520 -23.25 14.02 15.05
N ALA A 521 -24.54 14.08 14.70
CA ALA A 521 -25.58 13.25 15.31
C ALA A 521 -25.44 11.80 14.88
#